data_5DE2
#
_entry.id   5DE2
#
_cell.length_a   88.120
_cell.length_b   88.120
_cell.length_c   155.610
_cell.angle_alpha   90.00
_cell.angle_beta   90.00
_cell.angle_gamma   120.00
#
_symmetry.space_group_name_H-M   'P 31 2 1'
#
loop_
_entity.id
_entity.type
_entity.pdbx_description
1 polymer 'Serine/threonine-protein kinase Nek7'
2 polymer 'Serine/threonine-protein kinase Nek9'
3 water water
#
loop_
_entity_poly.entity_id
_entity_poly.type
_entity_poly.pdbx_seq_one_letter_code
_entity_poly.pdbx_strand_id
1 'polypeptide(L)'
;MDEQSQGMQGPPVPQFQPQKALRPDMGYNTLANFRIEKKIGRGQFSEVYRAACLLDGVPVALKKVQIFDLMDAKARADCI
KEIDLLKQLNHPNVIKFYASFIEDNELNIVLELADAGDLSRMIKHFKKQKRLIPERTVWKYFVQLCSALEHMHSRRVMHR
DIKPANVFITATGVVKLGDLGLGRFFSSKTTAAHSLVGTPYYMSPERIHENGYNFKSDIWSLGCLLYEMAALQSPFYGDK
MNLYSLCKKIEQCDYPPLPSDHYSEELRQLVNMCINPDPEKRPDVTYVYDVAKRMHACTASSLEHHHHHH
;
A,B
2 'polypeptide(L)' GWLRKELENAEFIPMPDSP C,D
#
# COMPACT_ATOMS: atom_id res chain seq x y z
N LYS A 20 -9.83 -1.19 -32.67
CA LYS A 20 -8.72 -2.07 -32.29
C LYS A 20 -9.18 -3.14 -31.30
N ALA A 21 -8.81 -4.40 -31.58
CA ALA A 21 -9.17 -5.58 -30.81
C ALA A 21 -8.29 -5.86 -29.59
N LEU A 22 -8.88 -6.48 -28.57
CA LEU A 22 -8.27 -6.86 -27.30
C LEU A 22 -7.16 -7.90 -27.47
N ARG A 23 -6.18 -7.90 -26.54
CA ARG A 23 -5.06 -8.84 -26.50
C ARG A 23 -4.69 -9.18 -25.04
N PRO A 24 -5.29 -10.26 -24.47
CA PRO A 24 -5.02 -10.61 -23.07
C PRO A 24 -3.57 -10.98 -22.76
N ASP A 25 -2.78 -11.28 -23.82
CA ASP A 25 -1.35 -11.65 -23.80
C ASP A 25 -0.51 -10.48 -23.27
N MET A 26 -0.89 -9.26 -23.69
CA MET A 26 -0.21 -8.00 -23.37
C MET A 26 -0.52 -7.51 -21.96
N GLY A 27 -1.77 -7.70 -21.54
CA GLY A 27 -2.26 -7.27 -20.24
C GLY A 27 -2.52 -5.78 -20.21
N TYR A 28 -2.00 -5.11 -19.17
CA TYR A 28 -2.11 -3.67 -18.95
C TYR A 28 -1.17 -2.83 -19.85
N ASN A 29 -0.38 -3.48 -20.72
CA ASN A 29 0.64 -2.83 -21.53
C ASN A 29 0.25 -2.57 -23.01
N THR A 30 -1.05 -2.24 -23.26
CA THR A 30 -1.60 -1.84 -24.56
C THR A 30 -2.90 -1.03 -24.39
N LEU A 31 -3.08 0.04 -25.19
CA LEU A 31 -4.26 0.92 -25.15
C LEU A 31 -5.54 0.21 -25.52
N ALA A 32 -5.45 -0.78 -26.43
CA ALA A 32 -6.58 -1.59 -26.93
C ALA A 32 -7.40 -2.26 -25.82
N ASN A 33 -6.76 -2.58 -24.69
CA ASN A 33 -7.37 -3.22 -23.53
C ASN A 33 -8.01 -2.24 -22.53
N PHE A 34 -8.20 -0.96 -22.94
CA PHE A 34 -8.78 0.09 -22.09
C PHE A 34 -9.83 0.92 -22.80
N ARG A 35 -10.86 1.39 -22.07
CA ARG A 35 -11.93 2.22 -22.62
C ARG A 35 -11.93 3.60 -21.95
N ILE A 36 -11.50 4.65 -22.67
CA ILE A 36 -11.42 6.01 -22.13
C ILE A 36 -12.82 6.56 -21.78
N GLU A 37 -13.17 6.46 -20.48
CA GLU A 37 -14.43 6.95 -19.92
C GLU A 37 -14.52 8.48 -19.94
N LYS A 38 -13.67 9.19 -19.19
CA LYS A 38 -13.69 10.67 -19.12
C LYS A 38 -12.32 11.28 -18.81
N LYS A 39 -12.09 12.58 -19.16
CA LYS A 39 -10.85 13.28 -18.82
C LYS A 39 -10.93 13.70 -17.33
N ILE A 40 -9.82 13.65 -16.56
CA ILE A 40 -9.83 14.02 -15.13
C ILE A 40 -8.70 15.03 -14.74
N GLY A 41 -7.77 15.26 -15.67
CA GLY A 41 -6.65 16.17 -15.47
C GLY A 41 -6.02 16.59 -16.77
N ARG A 42 -5.40 17.78 -16.77
CA ARG A 42 -4.74 18.37 -17.94
C ARG A 42 -3.52 19.14 -17.48
N GLY A 43 -2.35 18.74 -17.94
CA GLY A 43 -1.08 19.39 -17.61
C GLY A 43 -0.50 20.08 -18.83
N GLN A 44 0.72 20.62 -18.69
CA GLN A 44 1.40 21.33 -19.79
C GLN A 44 1.87 20.38 -20.90
N PHE A 45 2.09 19.09 -20.56
CA PHE A 45 2.56 18.09 -21.51
C PHE A 45 1.72 16.84 -21.58
N SER A 46 0.74 16.71 -20.66
CA SER A 46 -0.10 15.52 -20.55
C SER A 46 -1.56 15.79 -20.26
N GLU A 47 -2.38 14.72 -20.33
CA GLU A 47 -3.82 14.70 -20.07
C GLU A 47 -4.12 13.37 -19.38
N VAL A 48 -4.82 13.42 -18.23
CA VAL A 48 -5.19 12.22 -17.47
C VAL A 48 -6.64 11.85 -17.78
N TYR A 49 -6.91 10.55 -17.83
CA TYR A 49 -8.22 10.02 -18.13
C TYR A 49 -8.67 8.97 -17.13
N ARG A 50 -9.97 8.79 -17.02
CA ARG A 50 -10.57 7.70 -16.28
C ARG A 50 -10.85 6.71 -17.39
N ALA A 51 -10.45 5.48 -17.17
CA ALA A 51 -10.63 4.43 -18.17
C ALA A 51 -10.98 3.16 -17.45
N ALA A 52 -11.48 2.18 -18.21
CA ALA A 52 -11.83 0.88 -17.66
C ALA A 52 -10.97 -0.17 -18.33
N CYS A 53 -10.27 -0.98 -17.52
CA CYS A 53 -9.47 -2.06 -18.05
C CYS A 53 -10.44 -3.12 -18.52
N LEU A 54 -10.60 -3.25 -19.85
CA LEU A 54 -11.49 -4.19 -20.54
C LEU A 54 -11.26 -5.65 -20.14
N LEU A 55 -10.01 -5.99 -19.76
CA LEU A 55 -9.61 -7.34 -19.35
C LEU A 55 -10.38 -7.87 -18.11
N ASP A 56 -10.40 -7.12 -17.02
CA ASP A 56 -11.07 -7.52 -15.77
C ASP A 56 -12.27 -6.66 -15.36
N GLY A 57 -12.37 -5.45 -15.91
CA GLY A 57 -13.45 -4.51 -15.62
C GLY A 57 -13.08 -3.49 -14.56
N VAL A 58 -11.85 -3.60 -13.99
CA VAL A 58 -11.31 -2.70 -12.95
C VAL A 58 -11.00 -1.30 -13.54
N PRO A 59 -11.53 -0.19 -12.95
CA PRO A 59 -11.21 1.14 -13.50
C PRO A 59 -9.83 1.65 -13.07
N VAL A 60 -9.18 2.38 -13.96
CA VAL A 60 -7.83 2.94 -13.79
C VAL A 60 -7.74 4.38 -14.28
N ALA A 61 -6.64 5.06 -13.91
CA ALA A 61 -6.28 6.39 -14.39
C ALA A 61 -5.29 6.16 -15.55
N LEU A 62 -5.48 6.87 -16.66
CA LEU A 62 -4.61 6.72 -17.81
C LEU A 62 -4.03 8.06 -18.21
N LYS A 63 -2.71 8.21 -18.03
CA LYS A 63 -1.98 9.44 -18.32
C LYS A 63 -1.26 9.32 -19.66
N LYS A 64 -1.54 10.26 -20.59
CA LYS A 64 -0.90 10.28 -21.92
C LYS A 64 0.00 11.53 -22.02
N VAL A 65 1.34 11.33 -21.91
CA VAL A 65 2.37 12.39 -21.95
C VAL A 65 2.84 12.53 -23.41
N GLN A 66 2.81 13.76 -23.94
CA GLN A 66 3.18 14.05 -25.33
C GLN A 66 4.67 14.38 -25.42
N ILE A 67 5.50 13.32 -25.29
CA ILE A 67 6.97 13.37 -25.25
C ILE A 67 7.63 13.68 -26.60
N PHE A 68 6.94 13.51 -27.71
CA PHE A 68 7.53 13.81 -29.02
C PHE A 68 7.14 15.19 -29.55
N ASP A 69 5.84 15.53 -29.45
CA ASP A 69 5.25 16.77 -29.99
C ASP A 69 5.46 18.04 -29.14
N LEU A 70 5.25 17.96 -27.83
CA LEU A 70 5.39 19.09 -26.90
C LEU A 70 6.80 19.26 -26.30
N MET A 71 7.66 18.22 -26.40
CA MET A 71 9.00 18.22 -25.81
C MET A 71 10.14 18.09 -26.82
N ASP A 72 11.32 18.56 -26.39
CA ASP A 72 12.58 18.45 -27.11
C ASP A 72 13.32 17.25 -26.52
N ALA A 73 14.38 16.80 -27.21
CA ALA A 73 15.21 15.66 -26.83
C ALA A 73 15.53 15.58 -25.33
N LYS A 74 16.08 16.67 -24.75
CA LYS A 74 16.48 16.76 -23.34
C LYS A 74 15.32 16.50 -22.37
N ALA A 75 14.21 17.25 -22.53
CA ALA A 75 13.01 17.10 -21.70
C ALA A 75 12.41 15.70 -21.77
N ARG A 76 12.44 15.07 -22.97
CA ARG A 76 11.92 13.73 -23.25
C ARG A 76 12.76 12.66 -22.56
N ALA A 77 14.10 12.84 -22.59
CA ALA A 77 15.05 11.94 -21.96
C ALA A 77 14.84 11.97 -20.45
N ASP A 78 14.74 13.17 -19.88
CA ASP A 78 14.52 13.41 -18.46
C ASP A 78 13.18 12.85 -17.98
N CYS A 79 12.15 12.98 -18.82
CA CYS A 79 10.78 12.54 -18.58
C CYS A 79 10.69 11.02 -18.42
N ILE A 80 11.15 10.28 -19.42
CA ILE A 80 11.21 8.81 -19.42
C ILE A 80 12.05 8.30 -18.21
N LYS A 81 13.17 9.00 -17.86
CA LYS A 81 14.00 8.65 -16.71
C LYS A 81 13.21 8.80 -15.40
N GLU A 82 12.42 9.90 -15.29
CA GLU A 82 11.55 10.17 -14.15
C GLU A 82 10.46 9.10 -14.01
N ILE A 83 9.77 8.77 -15.12
CA ILE A 83 8.72 7.73 -15.11
C ILE A 83 9.34 6.37 -14.72
N ASP A 84 10.52 6.05 -15.28
CA ASP A 84 11.24 4.80 -14.97
C ASP A 84 11.46 4.63 -13.46
N LEU A 85 11.77 5.71 -12.77
CA LEU A 85 11.97 5.65 -11.31
C LEU A 85 10.64 5.60 -10.56
N LEU A 86 9.63 6.34 -11.04
CA LEU A 86 8.30 6.43 -10.46
C LEU A 86 7.57 5.09 -10.53
N LYS A 87 7.71 4.35 -11.66
CA LYS A 87 7.04 3.05 -11.82
C LYS A 87 7.54 2.02 -10.83
N GLN A 88 8.73 2.26 -10.24
CA GLN A 88 9.41 1.44 -9.24
C GLN A 88 8.93 1.70 -7.82
N LEU A 89 8.16 2.78 -7.59
CA LEU A 89 7.66 3.11 -6.25
C LEU A 89 6.51 2.19 -5.88
N ASN A 90 6.48 1.74 -4.62
CA ASN A 90 5.46 0.85 -4.07
C ASN A 90 5.23 1.17 -2.61
N HIS A 91 4.14 1.89 -2.33
CA HIS A 91 3.75 2.27 -0.97
C HIS A 91 2.24 2.33 -0.90
N PRO A 92 1.60 1.83 0.17
CA PRO A 92 0.12 1.92 0.19
C PRO A 92 -0.46 3.34 0.14
N ASN A 93 0.36 4.38 0.39
CA ASN A 93 -0.12 5.78 0.38
C ASN A 93 0.31 6.57 -0.86
N VAL A 94 0.86 5.88 -1.87
CA VAL A 94 1.30 6.47 -3.14
C VAL A 94 0.52 5.77 -4.21
N ILE A 95 -0.12 6.55 -5.11
CA ILE A 95 -0.85 6.02 -6.28
C ILE A 95 0.12 5.09 -7.03
N LYS A 96 -0.29 3.85 -7.26
CA LYS A 96 0.54 2.84 -7.92
C LYS A 96 0.50 2.97 -9.45
N PHE A 97 1.68 2.79 -10.08
CA PHE A 97 1.91 2.75 -11.52
C PHE A 97 1.83 1.27 -11.89
N TYR A 98 0.91 0.90 -12.79
CA TYR A 98 0.71 -0.47 -13.25
C TYR A 98 1.53 -0.77 -14.52
N ALA A 99 1.58 0.19 -15.45
CA ALA A 99 2.27 0.10 -16.72
C ALA A 99 2.64 1.47 -17.25
N SER A 100 3.59 1.50 -18.18
CA SER A 100 4.06 2.68 -18.91
C SER A 100 4.70 2.17 -20.20
N PHE A 101 4.08 2.53 -21.35
CA PHE A 101 4.45 2.11 -22.68
C PHE A 101 4.24 3.21 -23.72
N ILE A 102 5.03 3.18 -24.80
CA ILE A 102 4.89 4.14 -25.90
C ILE A 102 4.00 3.54 -26.99
N GLU A 103 2.87 4.21 -27.26
CA GLU A 103 1.86 3.84 -28.25
C GLU A 103 1.18 5.12 -28.71
N ASP A 104 0.81 5.18 -30.00
CA ASP A 104 0.15 6.31 -30.65
C ASP A 104 0.88 7.64 -30.39
N ASN A 105 2.22 7.61 -30.56
CA ASN A 105 3.16 8.75 -30.44
C ASN A 105 3.13 9.47 -29.10
N GLU A 106 2.85 8.71 -28.02
CA GLU A 106 2.76 9.22 -26.65
C GLU A 106 3.29 8.20 -25.66
N LEU A 107 3.62 8.66 -24.45
CA LEU A 107 3.99 7.80 -23.35
C LEU A 107 2.69 7.62 -22.53
N ASN A 108 2.15 6.40 -22.52
CA ASN A 108 0.91 6.09 -21.81
C ASN A 108 1.22 5.39 -20.51
N ILE A 109 0.78 5.98 -19.39
CA ILE A 109 0.95 5.43 -18.04
C ILE A 109 -0.37 4.94 -17.51
N VAL A 110 -0.42 3.70 -17.04
CA VAL A 110 -1.62 3.11 -16.40
C VAL A 110 -1.41 3.25 -14.89
N LEU A 111 -2.20 4.12 -14.26
CA LEU A 111 -2.14 4.44 -12.83
C LEU A 111 -3.35 3.95 -12.06
N GLU A 112 -3.17 3.76 -10.75
CA GLU A 112 -4.19 3.40 -9.76
C GLU A 112 -5.18 4.56 -9.72
N LEU A 113 -6.47 4.25 -9.69
CA LEU A 113 -7.49 5.30 -9.66
C LEU A 113 -8.00 5.54 -8.23
N ALA A 114 -8.18 6.83 -7.88
CA ALA A 114 -8.69 7.28 -6.58
C ALA A 114 -9.75 8.37 -6.80
N ASP A 115 -10.99 7.94 -7.08
CA ASP A 115 -12.10 8.84 -7.37
C ASP A 115 -12.94 9.23 -6.11
N ALA A 116 -12.72 8.55 -4.98
CA ALA A 116 -13.44 8.72 -3.72
C ALA A 116 -13.32 10.12 -3.02
N GLY A 117 -12.44 11.00 -3.51
CA GLY A 117 -12.29 12.34 -2.93
C GLY A 117 -10.86 12.69 -2.57
N ASP A 118 -10.67 13.87 -1.95
CA ASP A 118 -9.35 14.39 -1.57
C ASP A 118 -9.37 15.30 -0.33
N LEU A 119 -8.20 15.84 0.02
CA LEU A 119 -8.02 16.71 1.18
C LEU A 119 -8.55 18.14 0.92
N SER A 120 -8.52 18.58 -0.34
CA SER A 120 -9.04 19.87 -0.78
C SER A 120 -10.55 19.91 -0.54
N ARG A 121 -11.25 18.82 -0.92
CA ARG A 121 -12.68 18.60 -0.76
C ARG A 121 -13.03 18.56 0.73
N MET A 122 -12.23 17.84 1.56
CA MET A 122 -12.40 17.75 3.00
C MET A 122 -12.31 19.14 3.66
N ILE A 123 -11.27 19.94 3.31
CA ILE A 123 -11.04 21.30 3.83
C ILE A 123 -12.24 22.22 3.53
N LYS A 124 -12.68 22.27 2.25
CA LYS A 124 -13.80 23.10 1.81
C LYS A 124 -15.13 22.72 2.46
N HIS A 125 -15.26 21.44 2.82
CA HIS A 125 -16.44 20.88 3.48
C HIS A 125 -16.54 21.40 4.93
N PHE A 126 -15.43 21.35 5.67
CA PHE A 126 -15.33 21.85 7.05
C PHE A 126 -15.48 23.36 7.05
N LYS A 127 -14.94 24.03 6.02
CA LYS A 127 -15.03 25.49 5.84
C LYS A 127 -16.51 25.92 5.63
N LYS A 128 -17.27 25.17 4.79
CA LYS A 128 -18.69 25.40 4.50
C LYS A 128 -19.55 25.14 5.74
N GLN A 129 -19.14 24.17 6.56
CA GLN A 129 -19.79 23.79 7.81
C GLN A 129 -19.27 24.65 8.97
N LYS A 130 -18.44 25.70 8.68
CA LYS A 130 -17.84 26.63 9.65
C LYS A 130 -17.25 25.91 10.89
N ARG A 131 -16.44 24.85 10.65
CA ARG A 131 -15.84 23.99 11.68
C ARG A 131 -14.34 23.80 11.48
N LEU A 132 -13.58 23.69 12.58
CA LEU A 132 -12.15 23.42 12.44
C LEU A 132 -11.95 21.92 12.43
N ILE A 133 -10.93 21.44 11.66
CA ILE A 133 -10.60 20.00 11.64
C ILE A 133 -9.92 19.65 13.00
N PRO A 134 -10.45 18.68 13.79
CA PRO A 134 -9.81 18.35 15.08
C PRO A 134 -8.40 17.84 14.87
N GLU A 135 -7.47 18.24 15.76
CA GLU A 135 -6.07 17.85 15.68
C GLU A 135 -5.88 16.32 15.51
N ARG A 136 -6.72 15.51 16.20
CA ARG A 136 -6.73 14.05 16.10
C ARG A 136 -6.81 13.69 14.60
N THR A 137 -7.79 14.30 13.89
CA THR A 137 -8.05 14.11 12.46
C THR A 137 -6.87 14.59 11.59
N VAL A 138 -6.35 15.81 11.89
CA VAL A 138 -5.20 16.37 11.18
C VAL A 138 -4.06 15.34 11.09
N TRP A 139 -3.62 14.78 12.25
CA TRP A 139 -2.56 13.76 12.31
C TRP A 139 -2.87 12.45 11.61
N LYS A 140 -4.14 11.98 11.63
CA LYS A 140 -4.60 10.73 10.99
C LYS A 140 -4.32 10.72 9.47
N TYR A 141 -4.50 11.86 8.81
CA TYR A 141 -4.27 11.97 7.38
C TYR A 141 -2.84 12.39 7.09
N PHE A 142 -2.32 13.31 7.93
CA PHE A 142 -0.98 13.83 7.80
C PHE A 142 0.10 12.76 7.94
N VAL A 143 -0.04 11.85 8.93
CA VAL A 143 0.94 10.77 9.11
C VAL A 143 1.08 9.92 7.82
N GLN A 144 -0.04 9.70 7.10
CA GLN A 144 -0.09 8.93 5.85
C GLN A 144 0.61 9.67 4.72
N LEU A 145 0.44 11.01 4.65
CA LEU A 145 1.08 11.88 3.66
C LEU A 145 2.61 11.88 3.87
N CYS A 146 3.06 11.88 5.14
CA CYS A 146 4.48 11.81 5.46
C CYS A 146 5.05 10.46 5.11
N SER A 147 4.26 9.39 5.29
CA SER A 147 4.65 8.02 4.97
C SER A 147 4.90 7.89 3.49
N ALA A 148 3.98 8.43 2.66
CA ALA A 148 4.08 8.41 1.20
C ALA A 148 5.33 9.13 0.73
N LEU A 149 5.58 10.33 1.29
CA LEU A 149 6.70 11.19 0.94
C LEU A 149 8.04 10.65 1.42
N GLU A 150 8.07 10.00 2.62
CA GLU A 150 9.29 9.36 3.13
C GLU A 150 9.76 8.31 2.11
N HIS A 151 8.83 7.54 1.53
CA HIS A 151 9.10 6.51 0.54
C HIS A 151 9.67 7.09 -0.74
N MET A 152 9.08 8.17 -1.25
CA MET A 152 9.52 8.83 -2.48
C MET A 152 10.93 9.34 -2.33
N HIS A 153 11.19 10.12 -1.25
CA HIS A 153 12.49 10.69 -0.94
C HIS A 153 13.56 9.65 -0.74
N SER A 154 13.23 8.54 -0.05
CA SER A 154 14.16 7.42 0.21
C SER A 154 14.64 6.75 -1.08
N ARG A 155 13.80 6.81 -2.14
CA ARG A 155 14.08 6.27 -3.49
C ARG A 155 14.54 7.41 -4.41
N ARG A 156 15.01 8.54 -3.83
CA ARG A 156 15.53 9.72 -4.53
C ARG A 156 14.54 10.31 -5.59
N VAL A 157 13.25 10.46 -5.20
CA VAL A 157 12.17 11.00 -6.05
C VAL A 157 11.44 12.19 -5.39
N MET A 158 11.39 13.34 -6.09
CA MET A 158 10.69 14.55 -5.64
C MET A 158 9.23 14.46 -6.11
N HIS A 159 8.28 14.99 -5.32
CA HIS A 159 6.88 15.02 -5.74
C HIS A 159 6.71 16.13 -6.78
N ARG A 160 7.19 17.34 -6.44
CA ARG A 160 7.22 18.54 -7.28
C ARG A 160 5.90 19.35 -7.26
N ASP A 161 4.83 18.86 -6.58
CA ASP A 161 3.55 19.57 -6.45
C ASP A 161 2.63 19.05 -5.30
N ILE A 162 3.09 19.20 -4.06
CA ILE A 162 2.29 18.79 -2.90
C ILE A 162 1.25 19.89 -2.59
N LYS A 163 -0.02 19.58 -2.82
CA LYS A 163 -1.17 20.46 -2.59
C LYS A 163 -2.39 19.60 -2.20
N PRO A 164 -3.40 20.13 -1.44
CA PRO A 164 -4.50 19.26 -0.97
C PRO A 164 -5.23 18.45 -2.04
N ALA A 165 -5.38 19.03 -3.24
CA ALA A 165 -6.02 18.42 -4.41
C ALA A 165 -5.29 17.17 -4.90
N ASN A 166 -3.98 17.03 -4.58
CA ASN A 166 -3.14 15.88 -4.96
C ASN A 166 -3.09 14.81 -3.87
N VAL A 167 -3.60 15.12 -2.69
CA VAL A 167 -3.67 14.19 -1.57
C VAL A 167 -5.08 13.59 -1.63
N PHE A 168 -5.22 12.44 -2.32
CA PHE A 168 -6.52 11.78 -2.49
C PHE A 168 -6.86 10.94 -1.27
N ILE A 169 -8.16 10.77 -1.00
CA ILE A 169 -8.66 9.96 0.12
C ILE A 169 -9.61 8.91 -0.43
N THR A 170 -9.31 7.62 -0.19
CA THR A 170 -10.18 6.52 -0.62
C THR A 170 -11.36 6.45 0.37
N ALA A 171 -12.45 5.78 -0.02
CA ALA A 171 -13.67 5.58 0.78
C ALA A 171 -13.38 4.98 2.18
N THR A 172 -12.35 4.10 2.29
CA THR A 172 -11.88 3.45 3.52
C THR A 172 -11.09 4.42 4.45
N GLY A 173 -10.85 5.66 3.99
CA GLY A 173 -10.10 6.67 4.75
C GLY A 173 -8.61 6.68 4.50
N VAL A 174 -8.16 5.89 3.52
CA VAL A 174 -6.75 5.76 3.16
C VAL A 174 -6.30 6.94 2.24
N VAL A 175 -5.15 7.55 2.59
CA VAL A 175 -4.54 8.65 1.85
C VAL A 175 -3.76 8.09 0.66
N LYS A 176 -3.86 8.73 -0.51
CA LYS A 176 -3.15 8.36 -1.74
C LYS A 176 -2.58 9.62 -2.38
N LEU A 177 -1.26 9.76 -2.30
CA LEU A 177 -0.53 10.89 -2.89
C LEU A 177 -0.35 10.62 -4.39
N GLY A 178 -0.97 11.48 -5.18
CA GLY A 178 -0.95 11.42 -6.64
C GLY A 178 -0.55 12.75 -7.24
N ASP A 179 -0.80 12.90 -8.56
CA ASP A 179 -0.49 14.11 -9.35
C ASP A 179 -1.31 14.21 -10.66
N LEU A 180 -2.32 15.11 -10.67
CA LEU A 180 -3.16 15.42 -11.84
C LEU A 180 -3.33 16.95 -12.04
N GLY A 181 -2.49 17.74 -11.36
CA GLY A 181 -2.50 19.20 -11.36
C GLY A 181 -2.42 19.86 -12.73
N LEU A 196 -3.25 36.92 -12.73
CA LEU A 196 -2.08 37.71 -12.36
C LEU A 196 -1.06 36.90 -11.53
N VAL A 197 -1.39 35.62 -11.30
CA VAL A 197 -0.57 34.68 -10.53
C VAL A 197 0.10 33.67 -11.52
N GLY A 198 -0.60 32.60 -11.91
CA GLY A 198 -0.10 31.57 -12.82
C GLY A 198 1.21 30.93 -12.40
N THR A 199 1.35 30.67 -11.08
CA THR A 199 2.54 30.09 -10.44
C THR A 199 2.17 28.77 -9.66
N PRO A 200 3.07 28.08 -8.89
CA PRO A 200 2.63 26.88 -8.16
C PRO A 200 1.60 27.18 -7.08
N TYR A 201 0.95 26.12 -6.53
CA TYR A 201 -0.07 26.27 -5.48
C TYR A 201 0.54 26.91 -4.23
N TYR A 202 1.71 26.40 -3.77
CA TYR A 202 2.43 26.96 -2.65
C TYR A 202 3.72 27.60 -3.18
N MET A 203 3.74 28.94 -3.29
CA MET A 203 4.92 29.68 -3.74
C MET A 203 6.02 29.54 -2.68
N SER A 204 7.22 29.17 -3.11
CA SER A 204 8.37 28.98 -2.23
C SER A 204 9.48 30.02 -2.47
N PRO A 205 10.36 30.29 -1.47
CA PRO A 205 11.51 31.20 -1.71
C PRO A 205 12.33 30.81 -2.94
N GLU A 206 12.63 29.51 -3.12
CA GLU A 206 13.40 28.97 -4.25
C GLU A 206 12.72 29.22 -5.61
N ARG A 207 11.40 29.47 -5.61
CA ARG A 207 10.66 29.82 -6.84
C ARG A 207 10.85 31.33 -7.13
N ILE A 208 10.74 32.18 -6.09
CA ILE A 208 10.95 33.63 -6.15
C ILE A 208 12.39 33.93 -6.60
N HIS A 209 13.36 33.13 -6.14
CA HIS A 209 14.77 33.27 -6.52
C HIS A 209 15.12 32.45 -7.76
N GLU A 210 14.11 31.77 -8.37
CA GLU A 210 14.25 30.92 -9.57
C GLU A 210 15.44 29.92 -9.44
N ASN A 211 15.71 29.48 -8.19
CA ASN A 211 16.82 28.60 -7.84
C ASN A 211 16.63 27.13 -8.21
N GLY A 212 15.38 26.74 -8.41
CA GLY A 212 15.05 25.36 -8.75
C GLY A 212 14.48 24.57 -7.59
N TYR A 213 13.77 23.50 -7.95
CA TYR A 213 13.11 22.59 -7.04
C TYR A 213 14.08 21.53 -6.50
N ASN A 214 14.06 21.28 -5.19
CA ASN A 214 14.86 20.25 -4.53
C ASN A 214 14.01 19.45 -3.52
N PHE A 215 14.56 18.37 -2.91
CA PHE A 215 13.81 17.57 -1.93
C PHE A 215 13.25 18.42 -0.80
N LYS A 216 14.00 19.45 -0.39
CA LYS A 216 13.61 20.40 0.67
C LYS A 216 12.50 21.37 0.21
N SER A 217 12.20 21.40 -1.11
CA SER A 217 11.10 22.18 -1.69
C SER A 217 9.79 21.47 -1.36
N ASP A 218 9.79 20.11 -1.36
CA ASP A 218 8.63 19.30 -0.97
C ASP A 218 8.30 19.45 0.50
N ILE A 219 9.32 19.83 1.33
CA ILE A 219 9.13 20.03 2.77
C ILE A 219 8.37 21.32 3.06
N TRP A 220 8.67 22.38 2.28
CA TRP A 220 8.01 23.68 2.35
C TRP A 220 6.51 23.44 2.14
N SER A 221 6.15 22.79 0.99
CA SER A 221 4.81 22.40 0.57
C SER A 221 4.07 21.60 1.66
N LEU A 222 4.77 20.65 2.29
CA LEU A 222 4.26 19.79 3.35
C LEU A 222 3.94 20.59 4.62
N GLY A 223 4.77 21.57 4.95
CA GLY A 223 4.56 22.47 6.09
C GLY A 223 3.37 23.38 5.86
N CYS A 224 3.20 23.86 4.60
CA CYS A 224 2.09 24.74 4.16
C CYS A 224 0.77 23.97 4.23
N LEU A 225 0.80 22.71 3.75
CA LEU A 225 -0.35 21.79 3.73
C LEU A 225 -0.82 21.49 5.15
N LEU A 226 0.11 21.25 6.07
CA LEU A 226 -0.20 20.98 7.48
C LEU A 226 -0.91 22.19 8.08
N TYR A 227 -0.40 23.41 7.78
CA TYR A 227 -0.98 24.66 8.24
C TYR A 227 -2.38 24.80 7.67
N GLU A 228 -2.54 24.58 6.35
CA GLU A 228 -3.82 24.66 5.65
C GLU A 228 -4.85 23.70 6.23
N MET A 229 -4.43 22.56 6.78
CA MET A 229 -5.35 21.60 7.38
C MET A 229 -5.96 22.21 8.61
N ALA A 230 -5.13 22.85 9.44
CA ALA A 230 -5.53 23.51 10.68
C ALA A 230 -6.17 24.91 10.49
N ALA A 231 -5.74 25.70 9.50
CA ALA A 231 -6.29 27.04 9.26
C ALA A 231 -7.45 27.10 8.25
N LEU A 232 -7.57 26.07 7.39
CA LEU A 232 -8.58 25.96 6.32
C LEU A 232 -8.30 26.93 5.18
N GLN A 233 -7.05 27.41 5.13
CA GLN A 233 -6.53 28.33 4.12
C GLN A 233 -5.01 28.24 4.07
N SER A 234 -4.41 28.61 2.94
CA SER A 234 -2.97 28.63 2.75
C SER A 234 -2.32 29.62 3.69
N PRO A 235 -1.04 29.40 4.09
CA PRO A 235 -0.41 30.37 4.99
C PRO A 235 -0.27 31.77 4.39
N PHE A 236 -0.15 31.88 3.06
CA PHE A 236 0.02 33.16 2.39
C PHE A 236 -1.24 33.62 1.62
N TYR A 237 -2.42 33.10 2.02
CA TYR A 237 -3.70 33.50 1.47
C TYR A 237 -4.03 34.92 1.93
N GLY A 238 -4.67 35.67 1.05
CA GLY A 238 -5.16 37.02 1.32
C GLY A 238 -6.50 37.21 0.65
N ASP A 239 -7.41 37.98 1.31
CA ASP A 239 -8.75 38.31 0.80
C ASP A 239 -8.63 38.93 -0.60
N LYS A 240 -7.61 39.80 -0.77
CA LYS A 240 -7.23 40.47 -2.02
C LYS A 240 -5.73 40.21 -2.22
N MET A 241 -5.39 39.00 -2.66
CA MET A 241 -4.00 38.59 -2.81
C MET A 241 -3.47 38.85 -4.22
N ASN A 242 -2.24 39.38 -4.28
CA ASN A 242 -1.49 39.79 -5.45
C ASN A 242 0.00 39.47 -5.28
N LEU A 243 0.72 39.35 -6.40
CA LEU A 243 2.15 39.02 -6.49
C LEU A 243 3.07 39.83 -5.56
N TYR A 244 2.97 41.18 -5.52
CA TYR A 244 3.83 42.04 -4.67
C TYR A 244 3.73 41.65 -3.19
N SER A 245 2.48 41.66 -2.68
CA SER A 245 2.11 41.34 -1.31
C SER A 245 2.59 39.91 -0.93
N LEU A 246 2.40 38.95 -1.87
CA LEU A 246 2.78 37.54 -1.75
C LEU A 246 4.29 37.37 -1.51
N CYS A 247 5.12 38.00 -2.35
CA CYS A 247 6.57 37.95 -2.28
C CYS A 247 7.09 38.57 -0.98
N LYS A 248 6.45 39.66 -0.53
CA LYS A 248 6.77 40.36 0.72
C LYS A 248 6.52 39.41 1.89
N LYS A 249 5.32 38.78 1.93
CA LYS A 249 4.93 37.79 2.93
C LYS A 249 5.88 36.59 3.00
N ILE A 250 6.30 36.04 1.84
CA ILE A 250 7.21 34.90 1.77
C ILE A 250 8.60 35.29 2.28
N GLU A 251 9.15 36.44 1.83
CA GLU A 251 10.44 36.97 2.25
C GLU A 251 10.52 37.05 3.79
N GLN A 252 9.43 37.49 4.41
CA GLN A 252 9.32 37.66 5.86
C GLN A 252 8.75 36.44 6.59
N CYS A 253 8.26 35.40 5.86
CA CYS A 253 7.56 34.19 6.37
C CYS A 253 6.35 34.55 7.26
N ASP A 254 5.58 35.53 6.77
CA ASP A 254 4.42 36.15 7.38
C ASP A 254 3.11 35.39 7.14
N TYR A 255 2.74 34.53 8.10
CA TYR A 255 1.47 33.82 8.07
C TYR A 255 0.80 34.02 9.44
N PRO A 256 -0.56 34.13 9.51
CA PRO A 256 -1.20 34.28 10.82
C PRO A 256 -0.97 33.02 11.66
N PRO A 257 -0.49 33.14 12.92
CA PRO A 257 -0.29 31.92 13.75
C PRO A 257 -1.60 31.20 14.03
N LEU A 258 -1.53 29.87 14.22
CA LEU A 258 -2.69 29.03 14.46
C LEU A 258 -3.19 29.15 15.89
N PRO A 259 -4.52 28.97 16.16
CA PRO A 259 -5.02 29.05 17.54
C PRO A 259 -4.42 27.97 18.44
N SER A 260 -3.66 28.40 19.45
CA SER A 260 -2.99 27.49 20.38
C SER A 260 -4.01 26.70 21.23
N ASP A 261 -5.24 27.22 21.34
CA ASP A 261 -6.35 26.63 22.10
C ASP A 261 -6.82 25.33 21.45
N HIS A 262 -6.70 25.23 20.12
CA HIS A 262 -7.15 24.08 19.33
C HIS A 262 -6.02 23.26 18.76
N TYR A 263 -4.86 23.86 18.56
CA TYR A 263 -3.73 23.15 17.97
C TYR A 263 -2.49 23.24 18.83
N SER A 264 -1.96 22.09 19.21
CA SER A 264 -0.80 21.89 20.06
C SER A 264 0.46 22.62 19.61
N GLU A 265 1.41 22.77 20.54
CA GLU A 265 2.70 23.41 20.29
C GLU A 265 3.55 22.54 19.37
N GLU A 266 3.32 21.20 19.36
CA GLU A 266 4.05 20.28 18.47
C GLU A 266 3.62 20.51 17.02
N LEU A 267 2.30 20.68 16.80
CA LEU A 267 1.76 20.95 15.47
C LEU A 267 2.28 22.32 14.97
N ARG A 268 2.23 23.36 15.82
CA ARG A 268 2.68 24.70 15.50
C ARG A 268 4.22 24.79 15.28
N GLN A 269 5.02 24.04 16.07
CA GLN A 269 6.50 24.01 15.93
C GLN A 269 6.90 23.38 14.59
N LEU A 270 6.26 22.24 14.24
CA LEU A 270 6.50 21.51 12.99
C LEU A 270 6.22 22.38 11.76
N VAL A 271 5.13 23.16 11.77
CA VAL A 271 4.75 24.09 10.69
C VAL A 271 5.87 25.15 10.57
N ASN A 272 6.26 25.73 11.74
CA ASN A 272 7.32 26.72 11.89
C ASN A 272 8.69 26.23 11.37
N MET A 273 9.12 25.00 11.69
CA MET A 273 10.40 24.54 11.18
C MET A 273 10.37 24.15 9.69
N CYS A 274 9.18 23.85 9.14
CA CYS A 274 9.02 23.52 7.72
C CYS A 274 8.93 24.76 6.85
N ILE A 275 8.10 25.75 7.27
CA ILE A 275 7.96 27.05 6.58
C ILE A 275 9.19 27.92 6.98
N ASN A 276 10.34 27.61 6.38
CA ASN A 276 11.61 28.27 6.62
C ASN A 276 12.16 28.72 5.26
N PRO A 277 12.69 29.97 5.16
CA PRO A 277 13.18 30.44 3.86
C PRO A 277 14.31 29.61 3.26
N ASP A 278 15.26 29.15 4.12
CA ASP A 278 16.42 28.38 3.67
C ASP A 278 16.10 26.88 3.50
N PRO A 279 16.17 26.33 2.27
CA PRO A 279 15.91 24.88 2.09
C PRO A 279 16.79 23.99 2.96
N GLU A 280 18.09 24.33 3.09
CA GLU A 280 19.08 23.58 3.91
C GLU A 280 18.74 23.54 5.41
N LYS A 281 17.90 24.48 5.92
CA LYS A 281 17.52 24.53 7.33
C LYS A 281 16.18 23.85 7.61
N ARG A 282 15.51 23.39 6.55
CA ARG A 282 14.23 22.68 6.67
C ARG A 282 14.51 21.22 7.10
N PRO A 283 13.62 20.57 7.88
CA PRO A 283 13.93 19.17 8.26
C PRO A 283 13.75 18.24 7.08
N ASP A 284 14.37 17.05 7.16
CA ASP A 284 14.12 16.08 6.12
C ASP A 284 12.79 15.39 6.43
N VAL A 285 12.21 14.68 5.45
CA VAL A 285 10.92 14.00 5.61
C VAL A 285 10.89 13.00 6.77
N THR A 286 12.01 12.24 7.00
CA THR A 286 12.13 11.26 8.08
C THR A 286 11.80 11.95 9.38
N TYR A 287 12.40 13.13 9.62
CA TYR A 287 12.12 13.87 10.84
C TYR A 287 10.65 14.25 10.96
N VAL A 288 10.04 14.81 9.87
CA VAL A 288 8.62 15.23 9.85
C VAL A 288 7.73 14.00 10.14
N TYR A 289 8.04 12.88 9.46
CA TYR A 289 7.40 11.56 9.58
C TYR A 289 7.49 10.98 11.00
N ASP A 290 8.66 11.08 11.66
CA ASP A 290 8.79 10.58 13.05
C ASP A 290 7.94 11.42 14.00
N VAL A 291 7.85 12.75 13.79
CA VAL A 291 7.01 13.63 14.61
C VAL A 291 5.52 13.26 14.42
N ALA A 292 5.06 13.08 13.15
CA ALA A 292 3.67 12.73 12.85
C ALA A 292 3.26 11.38 13.41
N LYS A 293 4.15 10.35 13.34
CA LYS A 293 3.90 9.01 13.90
C LYS A 293 3.67 9.13 15.40
N ARG A 294 4.56 9.87 16.10
CA ARG A 294 4.49 10.13 17.55
C ARG A 294 3.27 10.93 17.91
N MET A 295 2.95 11.93 17.11
CA MET A 295 1.79 12.77 17.38
C MET A 295 0.50 12.03 17.17
N HIS A 296 0.40 11.24 16.08
CA HIS A 296 -0.77 10.44 15.75
C HIS A 296 -1.01 9.43 16.87
N ALA A 297 0.05 8.74 17.30
CA ALA A 297 0.01 7.75 18.37
C ALA A 297 -0.59 8.26 19.68
N CYS A 298 -0.29 9.51 20.08
CA CYS A 298 -0.79 10.01 21.36
C CYS A 298 -2.11 10.78 21.26
N THR A 299 -2.40 11.44 20.12
CA THR A 299 -3.67 12.17 19.93
C THR A 299 -4.85 11.21 19.68
N ALA A 300 -4.56 9.96 19.26
CA ALA A 300 -5.56 8.93 18.99
C ALA A 300 -5.65 7.95 20.16
N LYS B 20 29.53 -5.82 -10.97
CA LYS B 20 29.17 -4.65 -11.78
C LYS B 20 28.91 -3.41 -10.91
N ALA B 21 29.31 -2.22 -11.40
CA ALA B 21 29.17 -0.92 -10.73
C ALA B 21 27.71 -0.47 -10.59
N LEU B 22 27.43 0.31 -9.53
CA LEU B 22 26.13 0.86 -9.19
C LEU B 22 25.54 1.73 -10.31
N ARG B 23 24.25 1.50 -10.61
CA ARG B 23 23.51 2.20 -11.65
C ARG B 23 22.27 2.84 -10.96
N PRO B 24 22.41 4.01 -10.28
CA PRO B 24 21.26 4.59 -9.56
C PRO B 24 20.02 4.88 -10.40
N ASP B 25 20.21 5.03 -11.72
CA ASP B 25 19.16 5.30 -12.70
C ASP B 25 18.28 4.09 -12.96
N MET B 26 18.85 2.88 -12.72
CA MET B 26 18.19 1.58 -12.88
C MET B 26 17.35 1.24 -11.67
N GLY B 27 17.75 1.79 -10.50
CA GLY B 27 17.08 1.59 -9.22
C GLY B 27 17.06 0.14 -8.78
N TYR B 28 15.86 -0.38 -8.57
CA TYR B 28 15.65 -1.76 -8.14
C TYR B 28 15.64 -2.75 -9.30
N ASN B 29 15.76 -2.28 -10.56
CA ASN B 29 15.69 -3.15 -11.74
C ASN B 29 17.03 -3.53 -12.37
N THR B 30 18.05 -3.79 -11.54
CA THR B 30 19.36 -4.31 -11.95
C THR B 30 20.08 -4.97 -10.75
N LEU B 31 20.75 -6.11 -10.99
CA LEU B 31 21.48 -6.83 -9.92
C LEU B 31 22.67 -6.05 -9.38
N ALA B 32 23.29 -5.19 -10.21
CA ALA B 32 24.45 -4.37 -9.83
C ALA B 32 24.19 -3.45 -8.62
N ASN B 33 22.91 -3.18 -8.30
CA ASN B 33 22.50 -2.32 -7.18
C ASN B 33 22.18 -3.12 -5.93
N PHE B 34 22.32 -4.45 -6.00
CA PHE B 34 22.07 -5.36 -4.89
C PHE B 34 23.31 -6.17 -4.50
N ARG B 35 23.44 -6.45 -3.21
CA ARG B 35 24.50 -7.26 -2.64
C ARG B 35 23.83 -8.49 -2.05
N ILE B 36 23.95 -9.65 -2.73
CA ILE B 36 23.40 -10.93 -2.26
C ILE B 36 24.23 -11.35 -1.04
N GLU B 37 23.56 -11.59 0.09
CA GLU B 37 24.22 -11.91 1.34
C GLU B 37 24.31 -13.40 1.66
N LYS B 38 23.17 -14.13 1.59
CA LYS B 38 23.09 -15.56 1.94
C LYS B 38 21.83 -16.21 1.39
N LYS B 39 21.97 -17.42 0.84
CA LYS B 39 20.87 -18.24 0.33
C LYS B 39 19.95 -18.65 1.50
N ILE B 40 18.64 -18.50 1.36
CA ILE B 40 17.67 -18.82 2.42
C ILE B 40 16.63 -19.91 2.00
N GLY B 41 16.71 -20.36 0.75
CA GLY B 41 15.80 -21.36 0.22
C GLY B 41 16.01 -21.76 -1.22
N ARG B 42 15.43 -22.90 -1.59
CA ARG B 42 15.50 -23.50 -2.93
C ARG B 42 14.18 -24.20 -3.23
N GLY B 43 13.52 -23.80 -4.32
CA GLY B 43 12.27 -24.37 -4.77
C GLY B 43 12.40 -25.30 -5.96
N GLN B 44 11.25 -25.63 -6.58
CA GLN B 44 11.19 -26.49 -7.76
C GLN B 44 11.86 -25.84 -8.98
N PHE B 45 11.74 -24.49 -9.08
CA PHE B 45 12.26 -23.68 -10.18
C PHE B 45 13.19 -22.57 -9.75
N SER B 46 13.12 -22.19 -8.47
CA SER B 46 13.83 -21.02 -7.96
C SER B 46 14.76 -21.27 -6.79
N GLU B 47 15.42 -20.17 -6.36
CA GLU B 47 16.28 -20.06 -5.18
C GLU B 47 16.10 -18.67 -4.64
N VAL B 48 15.88 -18.56 -3.32
CA VAL B 48 15.69 -17.28 -2.64
C VAL B 48 16.94 -16.93 -1.86
N TYR B 49 17.30 -15.65 -1.85
CA TYR B 49 18.48 -15.11 -1.20
C TYR B 49 18.11 -13.92 -0.35
N ARG B 50 18.89 -13.70 0.72
CA ARG B 50 18.77 -12.52 1.55
C ARG B 50 19.74 -11.55 0.90
N ALA B 51 19.27 -10.33 0.63
CA ALA B 51 20.09 -9.30 -0.01
C ALA B 51 19.76 -7.92 0.56
N ALA B 52 20.56 -6.93 0.18
CA ALA B 52 20.38 -5.54 0.56
C ALA B 52 20.57 -4.68 -0.67
N CYS B 53 19.76 -3.62 -0.76
CA CYS B 53 19.91 -2.65 -1.83
C CYS B 53 21.08 -1.73 -1.47
N LEU B 54 22.05 -1.56 -2.38
CA LEU B 54 23.22 -0.73 -2.18
C LEU B 54 22.89 0.76 -2.37
N LEU B 55 21.69 1.06 -2.83
CA LEU B 55 21.29 2.44 -3.01
C LEU B 55 20.74 3.04 -1.73
N ASP B 56 20.22 2.22 -0.82
CA ASP B 56 19.59 2.73 0.40
C ASP B 56 19.73 1.81 1.62
N GLY B 57 20.49 0.72 1.49
CA GLY B 57 20.72 -0.24 2.57
C GLY B 57 19.52 -1.02 3.03
N VAL B 58 18.41 -0.95 2.29
CA VAL B 58 17.15 -1.63 2.58
C VAL B 58 17.29 -3.14 2.36
N PRO B 59 16.94 -3.98 3.39
CA PRO B 59 17.03 -5.43 3.22
C PRO B 59 15.83 -6.00 2.45
N VAL B 60 16.13 -6.88 1.47
CA VAL B 60 15.15 -7.51 0.57
C VAL B 60 15.38 -9.02 0.40
N ALA B 61 14.40 -9.72 -0.16
CA ALA B 61 14.46 -11.14 -0.52
C ALA B 61 14.56 -11.18 -2.06
N LEU B 62 15.56 -11.90 -2.57
CA LEU B 62 15.81 -12.03 -3.99
C LEU B 62 15.56 -13.46 -4.45
N LYS B 63 14.48 -13.65 -5.22
CA LYS B 63 14.05 -14.92 -5.77
C LYS B 63 14.59 -15.01 -7.21
N LYS B 64 15.46 -16.00 -7.48
CA LYS B 64 16.01 -16.18 -8.83
C LYS B 64 15.30 -17.35 -9.47
N VAL B 65 14.40 -17.08 -10.43
CA VAL B 65 13.56 -18.07 -11.11
C VAL B 65 14.15 -18.50 -12.45
N GLN B 66 14.31 -19.82 -12.62
CA GLN B 66 14.86 -20.40 -13.85
C GLN B 66 13.74 -20.60 -14.86
N ILE B 67 13.28 -19.50 -15.46
CA ILE B 67 12.22 -19.47 -16.48
C ILE B 67 12.67 -20.09 -17.81
N PHE B 68 14.00 -20.12 -18.07
CA PHE B 68 14.54 -20.73 -19.28
C PHE B 68 15.01 -22.15 -19.02
N ASP B 69 16.03 -22.31 -18.18
CA ASP B 69 16.66 -23.58 -17.82
C ASP B 69 15.72 -24.64 -17.21
N LEU B 70 14.80 -24.24 -16.32
CA LEU B 70 13.93 -25.19 -15.62
C LEU B 70 12.45 -25.19 -15.99
N MET B 71 12.04 -24.36 -16.95
CA MET B 71 10.63 -24.30 -17.34
C MET B 71 10.47 -24.47 -18.82
N ASP B 72 9.22 -24.67 -19.27
CA ASP B 72 8.92 -24.79 -20.69
C ASP B 72 8.23 -23.50 -21.14
N ALA B 73 8.01 -23.34 -22.46
CA ALA B 73 7.34 -22.18 -23.03
C ALA B 73 6.07 -21.78 -22.24
N LYS B 74 5.08 -22.72 -22.09
CA LYS B 74 3.82 -22.50 -21.35
C LYS B 74 4.04 -22.11 -19.90
N ALA B 75 4.93 -22.84 -19.19
CA ALA B 75 5.27 -22.55 -17.80
C ALA B 75 5.84 -21.14 -17.62
N ARG B 76 6.78 -20.73 -18.52
CA ARG B 76 7.46 -19.44 -18.54
C ARG B 76 6.47 -18.31 -18.77
N ALA B 77 5.60 -18.48 -19.77
CA ALA B 77 4.54 -17.56 -20.14
C ALA B 77 3.63 -17.33 -18.94
N ASP B 78 3.19 -18.43 -18.28
CA ASP B 78 2.30 -18.39 -17.12
C ASP B 78 2.94 -17.69 -15.94
N CYS B 79 4.22 -17.97 -15.69
CA CYS B 79 5.01 -17.39 -14.62
C CYS B 79 5.16 -15.87 -14.83
N ILE B 80 5.51 -15.43 -16.06
CA ILE B 80 5.64 -14.01 -16.41
C ILE B 80 4.30 -13.28 -16.22
N LYS B 81 3.18 -13.88 -16.71
CA LYS B 81 1.81 -13.38 -16.58
C LYS B 81 1.40 -13.23 -15.09
N GLU B 82 1.77 -14.23 -14.22
CA GLU B 82 1.48 -14.21 -12.79
C GLU B 82 2.28 -13.16 -12.02
N ILE B 83 3.52 -12.88 -12.46
CA ILE B 83 4.39 -11.89 -11.85
C ILE B 83 3.90 -10.48 -12.25
N ASP B 84 3.30 -10.36 -13.46
CA ASP B 84 2.70 -9.10 -13.94
C ASP B 84 1.53 -8.69 -13.05
N LEU B 85 0.75 -9.68 -12.53
CA LEU B 85 -0.38 -9.43 -11.64
C LEU B 85 0.04 -8.78 -10.30
N LEU B 86 1.21 -9.14 -9.75
CA LEU B 86 1.73 -8.59 -8.50
C LEU B 86 2.16 -7.12 -8.61
N LYS B 87 2.24 -6.59 -9.84
CA LYS B 87 2.58 -5.19 -10.13
C LYS B 87 1.34 -4.30 -9.92
N GLN B 88 0.19 -4.92 -9.66
CA GLN B 88 -1.07 -4.20 -9.45
C GLN B 88 -1.43 -4.17 -7.98
N LEU B 89 -0.75 -5.00 -7.18
CA LEU B 89 -0.98 -5.07 -5.75
C LEU B 89 -0.35 -3.87 -5.06
N ASN B 90 -1.14 -3.22 -4.18
CA ASN B 90 -0.76 -2.05 -3.38
C ASN B 90 -1.63 -1.98 -2.11
N HIS B 91 -1.23 -2.77 -1.10
CA HIS B 91 -1.97 -2.92 0.14
C HIS B 91 -1.02 -3.01 1.33
N PRO B 92 -1.38 -2.35 2.47
CA PRO B 92 -0.51 -2.43 3.67
C PRO B 92 -0.28 -3.82 4.26
N ASN B 93 -1.15 -4.80 3.94
CA ASN B 93 -1.08 -6.15 4.50
C ASN B 93 -0.53 -7.22 3.57
N VAL B 94 -0.07 -6.82 2.40
CA VAL B 94 0.52 -7.74 1.44
C VAL B 94 2.01 -7.41 1.40
N ILE B 95 2.89 -8.45 1.48
CA ILE B 95 4.35 -8.26 1.34
C ILE B 95 4.58 -7.61 -0.03
N LYS B 96 5.39 -6.54 -0.06
CA LYS B 96 5.70 -5.76 -1.26
C LYS B 96 6.48 -6.49 -2.33
N PHE B 97 6.12 -6.17 -3.56
CA PHE B 97 6.75 -6.65 -4.78
C PHE B 97 7.47 -5.41 -5.35
N TYR B 98 8.80 -5.37 -5.21
CA TYR B 98 9.61 -4.24 -5.63
C TYR B 98 10.04 -4.26 -7.08
N ALA B 99 10.51 -5.42 -7.57
CA ALA B 99 11.06 -5.56 -8.92
C ALA B 99 10.95 -6.96 -9.47
N SER B 100 10.96 -7.05 -10.80
CA SER B 100 10.99 -8.27 -11.59
C SER B 100 11.65 -7.92 -12.88
N PHE B 101 12.82 -8.51 -13.13
CA PHE B 101 13.57 -8.23 -14.35
C PHE B 101 14.34 -9.46 -14.81
N ILE B 102 14.58 -9.57 -16.12
CA ILE B 102 15.35 -10.69 -16.69
C ILE B 102 16.80 -10.25 -16.78
N GLU B 103 17.69 -10.93 -16.05
CA GLU B 103 19.12 -10.65 -16.01
C GLU B 103 19.85 -11.92 -15.64
N ASP B 104 20.93 -12.23 -16.39
CA ASP B 104 21.78 -13.43 -16.25
C ASP B 104 20.98 -14.75 -16.45
N ASN B 105 20.20 -14.80 -17.54
CA ASN B 105 19.40 -15.93 -18.01
C ASN B 105 18.34 -16.41 -16.99
N GLU B 106 17.83 -15.49 -16.16
CA GLU B 106 16.82 -15.84 -15.15
C GLU B 106 15.89 -14.68 -14.83
N LEU B 107 14.77 -14.97 -14.14
CA LEU B 107 13.83 -13.95 -13.69
C LEU B 107 14.21 -13.61 -12.26
N ASN B 108 14.48 -12.33 -12.02
CA ASN B 108 14.84 -11.84 -10.70
C ASN B 108 13.65 -11.12 -10.09
N ILE B 109 13.18 -11.57 -8.93
CA ILE B 109 12.06 -10.96 -8.23
C ILE B 109 12.56 -10.42 -6.90
N VAL B 110 12.53 -9.08 -6.73
CA VAL B 110 12.96 -8.40 -5.51
C VAL B 110 11.72 -8.20 -4.62
N LEU B 111 11.76 -8.71 -3.38
CA LEU B 111 10.63 -8.62 -2.46
C LEU B 111 10.96 -8.03 -1.10
N GLU B 112 9.96 -7.44 -0.44
CA GLU B 112 10.05 -6.91 0.91
C GLU B 112 10.33 -8.05 1.89
N LEU B 113 11.30 -7.86 2.80
CA LEU B 113 11.64 -8.80 3.88
C LEU B 113 10.96 -8.29 5.16
N ALA B 114 10.18 -9.16 5.81
CA ALA B 114 9.52 -8.79 7.08
C ALA B 114 10.54 -8.95 8.20
N ASP B 115 11.35 -10.06 8.19
CA ASP B 115 12.43 -10.36 9.15
C ASP B 115 12.14 -9.87 10.60
N ALA B 116 10.96 -10.26 11.16
CA ALA B 116 10.57 -9.84 12.50
C ALA B 116 9.93 -11.01 13.22
N GLY B 117 8.70 -11.34 12.85
CA GLY B 117 7.95 -12.43 13.46
C GLY B 117 6.79 -12.90 12.61
N ASP B 118 6.34 -14.12 12.86
CA ASP B 118 5.23 -14.71 12.13
C ASP B 118 4.19 -15.36 13.03
N LEU B 119 2.99 -15.58 12.49
CA LEU B 119 1.85 -16.19 13.17
C LEU B 119 2.17 -17.57 13.73
N SER B 120 3.05 -18.32 13.03
CA SER B 120 3.55 -19.63 13.41
C SER B 120 4.23 -19.55 14.80
N ARG B 121 5.08 -18.53 15.00
CA ARG B 121 5.79 -18.25 16.25
C ARG B 121 4.83 -17.80 17.35
N MET B 122 3.86 -16.96 16.98
CA MET B 122 2.84 -16.50 17.92
C MET B 122 2.01 -17.67 18.48
N ILE B 123 1.69 -18.68 17.64
CA ILE B 123 0.93 -19.87 18.07
C ILE B 123 1.81 -20.70 18.99
N LYS B 124 3.06 -20.99 18.55
CA LYS B 124 4.05 -21.77 19.30
C LYS B 124 4.31 -21.18 20.68
N HIS B 125 4.49 -19.82 20.76
CA HIS B 125 4.76 -19.14 22.02
CA HIS B 125 4.75 -19.15 22.03
C HIS B 125 3.51 -19.04 22.92
N PHE B 126 2.31 -19.33 22.38
CA PHE B 126 1.07 -19.32 23.16
C PHE B 126 0.83 -20.74 23.70
N LYS B 127 1.37 -21.76 22.98
CA LYS B 127 1.28 -23.18 23.33
C LYS B 127 2.24 -23.47 24.47
N LYS B 128 3.49 -22.94 24.37
CA LYS B 128 4.55 -23.06 25.38
C LYS B 128 4.16 -22.45 26.73
N GLN B 129 3.09 -21.63 26.74
CA GLN B 129 2.56 -20.94 27.92
C GLN B 129 1.13 -21.40 28.24
N LYS B 130 0.71 -22.59 27.73
CA LYS B 130 -0.61 -23.21 27.92
C LYS B 130 -1.77 -22.18 27.90
N ARG B 131 -1.66 -21.18 27.00
CA ARG B 131 -2.59 -20.07 26.83
C ARG B 131 -3.32 -20.12 25.49
N LEU B 132 -4.59 -19.76 25.49
CA LEU B 132 -5.38 -19.68 24.26
C LEU B 132 -5.32 -18.24 23.72
N ILE B 133 -5.41 -18.07 22.39
CA ILE B 133 -5.41 -16.73 21.84
C ILE B 133 -6.82 -16.15 22.03
N PRO B 134 -6.95 -15.03 22.77
CA PRO B 134 -8.29 -14.47 22.99
C PRO B 134 -8.94 -14.07 21.67
N GLU B 135 -10.25 -14.30 21.56
CA GLU B 135 -11.04 -14.05 20.36
C GLU B 135 -10.84 -12.66 19.72
N ARG B 136 -10.69 -11.60 20.54
CA ARG B 136 -10.49 -10.25 20.01
C ARG B 136 -9.07 -10.09 19.40
N THR B 137 -8.09 -10.88 19.89
CA THR B 137 -6.71 -10.87 19.36
C THR B 137 -6.72 -11.62 18.03
N VAL B 138 -7.58 -12.65 17.90
CA VAL B 138 -7.72 -13.45 16.68
C VAL B 138 -8.29 -12.58 15.52
N TRP B 139 -9.41 -11.87 15.77
CA TRP B 139 -10.07 -11.00 14.81
C TRP B 139 -9.21 -9.83 14.36
N LYS B 140 -8.42 -9.27 15.31
CA LYS B 140 -7.50 -8.15 15.08
C LYS B 140 -6.57 -8.48 13.91
N TYR B 141 -5.96 -9.70 13.96
CA TYR B 141 -5.01 -10.24 12.98
C TYR B 141 -5.71 -10.79 11.76
N PHE B 142 -6.80 -11.55 11.96
CA PHE B 142 -7.57 -12.19 10.90
C PHE B 142 -8.16 -11.19 9.91
N VAL B 143 -8.69 -10.04 10.39
CA VAL B 143 -9.29 -9.01 9.51
C VAL B 143 -8.24 -8.42 8.55
N GLN B 144 -7.01 -8.24 9.03
CA GLN B 144 -5.90 -7.73 8.25
C GLN B 144 -5.53 -8.69 7.13
N LEU B 145 -5.53 -9.99 7.45
CA LEU B 145 -5.26 -11.10 6.53
C LEU B 145 -6.36 -11.24 5.45
N CYS B 146 -7.63 -10.97 5.80
CA CYS B 146 -8.72 -10.98 4.82
C CYS B 146 -8.66 -9.77 3.92
N SER B 147 -8.17 -8.62 4.45
CA SER B 147 -8.02 -7.37 3.69
C SER B 147 -7.00 -7.62 2.56
N ALA B 148 -5.88 -8.29 2.94
CA ALA B 148 -4.79 -8.71 2.07
C ALA B 148 -5.30 -9.64 0.97
N LEU B 149 -6.05 -10.69 1.37
CA LEU B 149 -6.59 -11.66 0.43
C LEU B 149 -7.64 -11.08 -0.50
N GLU B 150 -8.57 -10.25 0.02
CA GLU B 150 -9.59 -9.59 -0.78
C GLU B 150 -8.94 -8.75 -1.90
N HIS B 151 -7.87 -8.01 -1.58
CA HIS B 151 -7.09 -7.19 -2.51
C HIS B 151 -6.51 -8.08 -3.62
N MET B 152 -5.81 -9.16 -3.19
CA MET B 152 -5.20 -10.14 -4.06
C MET B 152 -6.23 -10.73 -5.01
N HIS B 153 -7.39 -11.20 -4.50
CA HIS B 153 -8.45 -11.79 -5.32
C HIS B 153 -9.10 -10.78 -6.28
N SER B 154 -9.26 -9.50 -5.85
CA SER B 154 -9.83 -8.44 -6.69
C SER B 154 -8.96 -8.17 -7.94
N ARG B 155 -7.64 -8.50 -7.87
CA ARG B 155 -6.70 -8.34 -8.97
C ARG B 155 -6.44 -9.70 -9.65
N ARG B 156 -7.33 -10.69 -9.41
CA ARG B 156 -7.32 -12.05 -9.95
C ARG B 156 -6.03 -12.81 -9.59
N VAL B 157 -5.56 -12.68 -8.34
CA VAL B 157 -4.32 -13.32 -7.87
C VAL B 157 -4.62 -14.37 -6.80
N MET B 158 -4.19 -15.62 -7.02
CA MET B 158 -4.32 -16.70 -6.04
C MET B 158 -3.07 -16.71 -5.17
N HIS B 159 -3.23 -16.81 -3.84
CA HIS B 159 -2.09 -16.88 -2.93
C HIS B 159 -1.38 -18.22 -3.10
N ARG B 160 -2.15 -19.34 -3.08
CA ARG B 160 -1.74 -20.74 -3.29
C ARG B 160 -1.08 -21.45 -2.08
N ASP B 161 -0.68 -20.75 -1.02
CA ASP B 161 -0.11 -21.39 0.17
C ASP B 161 -0.35 -20.57 1.41
N ILE B 162 -1.63 -20.44 1.83
CA ILE B 162 -1.98 -19.74 3.05
C ILE B 162 -1.68 -20.67 4.23
N LYS B 163 -0.71 -20.30 5.06
CA LYS B 163 -0.28 -21.07 6.24
C LYS B 163 0.24 -20.08 7.30
N PRO B 164 0.23 -20.42 8.62
CA PRO B 164 0.70 -19.46 9.64
C PRO B 164 2.12 -18.92 9.45
N ALA B 165 3.04 -19.73 8.91
CA ALA B 165 4.41 -19.30 8.62
C ALA B 165 4.50 -18.22 7.52
N ASN B 166 3.46 -18.12 6.66
CA ASN B 166 3.39 -17.13 5.58
C ASN B 166 2.67 -15.86 6.01
N VAL B 167 2.28 -15.78 7.30
CA VAL B 167 1.59 -14.62 7.89
C VAL B 167 2.58 -13.96 8.83
N PHE B 168 3.22 -12.91 8.35
CA PHE B 168 4.22 -12.16 9.12
C PHE B 168 3.55 -11.04 9.91
N ILE B 169 4.04 -10.77 11.12
CA ILE B 169 3.55 -9.73 12.01
C ILE B 169 4.70 -8.79 12.32
N THR B 170 4.48 -7.49 12.16
CA THR B 170 5.48 -6.45 12.43
C THR B 170 5.41 -6.04 13.90
N ALA B 171 6.42 -5.27 14.37
CA ALA B 171 6.50 -4.72 15.73
C ALA B 171 5.21 -3.99 16.12
N THR B 172 4.65 -3.21 15.17
CA THR B 172 3.42 -2.42 15.31
C THR B 172 2.14 -3.28 15.32
N GLY B 173 2.30 -4.60 15.16
CA GLY B 173 1.19 -5.55 15.08
C GLY B 173 0.49 -5.45 13.74
N VAL B 174 1.27 -5.31 12.65
CA VAL B 174 0.76 -5.19 11.29
C VAL B 174 0.99 -6.52 10.56
N VAL B 175 -0.10 -7.10 10.05
CA VAL B 175 -0.02 -8.37 9.32
C VAL B 175 0.54 -8.12 7.90
N LYS B 176 1.42 -9.02 7.45
CA LYS B 176 2.03 -8.99 6.12
C LYS B 176 1.99 -10.42 5.56
N LEU B 177 1.19 -10.61 4.51
CA LEU B 177 0.99 -11.91 3.87
C LEU B 177 1.97 -12.08 2.71
N GLY B 178 2.85 -13.07 2.84
CA GLY B 178 3.89 -13.36 1.86
C GLY B 178 3.82 -14.77 1.34
N ASP B 179 4.59 -15.05 0.28
CA ASP B 179 4.60 -16.36 -0.37
C ASP B 179 5.90 -17.14 -0.16
N LEU B 180 7.06 -16.44 -0.14
CA LEU B 180 8.38 -17.08 0.02
C LEU B 180 8.71 -17.25 1.49
N PRO B 200 2.09 -29.07 0.49
CA PRO B 200 0.89 -28.36 0.96
C PRO B 200 0.67 -28.47 2.47
N TYR B 201 0.57 -27.30 3.15
CA TYR B 201 0.37 -27.22 4.60
C TYR B 201 -1.06 -27.61 4.96
N TYR B 202 -2.04 -26.94 4.33
CA TYR B 202 -3.46 -27.24 4.47
C TYR B 202 -3.91 -27.81 3.13
N MET B 203 -4.02 -29.14 3.05
CA MET B 203 -4.47 -29.80 1.84
C MET B 203 -5.98 -29.80 1.78
N SER B 204 -6.54 -29.34 0.65
CA SER B 204 -7.98 -29.26 0.43
C SER B 204 -8.50 -30.54 -0.25
N PRO B 205 -9.82 -30.85 -0.19
CA PRO B 205 -10.34 -32.05 -0.90
C PRO B 205 -10.08 -32.04 -2.41
N GLU B 206 -10.11 -30.86 -3.05
CA GLU B 206 -9.86 -30.75 -4.49
C GLU B 206 -8.37 -31.01 -4.86
N ARG B 207 -7.40 -30.78 -3.94
CA ARG B 207 -5.97 -31.08 -4.23
C ARG B 207 -5.77 -32.60 -4.14
N ILE B 208 -6.32 -33.21 -3.09
CA ILE B 208 -6.31 -34.62 -2.78
C ILE B 208 -6.99 -35.44 -3.91
N HIS B 209 -8.09 -34.91 -4.50
CA HIS B 209 -8.86 -35.57 -5.56
C HIS B 209 -8.57 -35.02 -6.96
N GLU B 210 -9.27 -33.96 -7.40
CA GLU B 210 -9.17 -33.36 -8.73
C GLU B 210 -7.76 -32.82 -9.11
N ASN B 211 -6.83 -32.72 -8.14
CA ASN B 211 -5.47 -32.16 -8.31
C ASN B 211 -5.48 -30.65 -8.69
N GLY B 212 -6.61 -29.98 -8.51
CA GLY B 212 -6.79 -28.57 -8.86
C GLY B 212 -6.77 -27.57 -7.72
N TYR B 213 -6.40 -26.33 -8.05
CA TYR B 213 -6.34 -25.20 -7.13
C TYR B 213 -7.09 -24.02 -7.74
N ASN B 214 -7.97 -23.39 -6.97
CA ASN B 214 -8.71 -22.23 -7.45
C ASN B 214 -8.84 -21.18 -6.35
N PHE B 215 -9.50 -20.04 -6.64
CA PHE B 215 -9.72 -18.96 -5.66
C PHE B 215 -10.36 -19.49 -4.37
N LYS B 216 -11.27 -20.46 -4.49
CA LYS B 216 -11.94 -21.06 -3.32
C LYS B 216 -11.01 -22.00 -2.51
N SER B 217 -9.84 -22.44 -3.08
CA SER B 217 -8.90 -23.29 -2.33
C SER B 217 -8.16 -22.47 -1.28
N ASP B 218 -8.01 -21.15 -1.51
CA ASP B 218 -7.40 -20.18 -0.58
C ASP B 218 -8.34 -19.95 0.60
N ILE B 219 -9.66 -20.11 0.36
CA ILE B 219 -10.64 -19.98 1.43
C ILE B 219 -10.54 -21.14 2.39
N TRP B 220 -10.45 -22.38 1.87
CA TRP B 220 -10.25 -23.56 2.67
C TRP B 220 -9.06 -23.33 3.65
N SER B 221 -7.90 -22.88 3.10
CA SER B 221 -6.69 -22.56 3.87
C SER B 221 -6.94 -21.48 4.92
N LEU B 222 -7.70 -20.43 4.52
CA LEU B 222 -8.11 -19.31 5.39
C LEU B 222 -8.98 -19.81 6.56
N GLY B 223 -9.86 -20.78 6.28
CA GLY B 223 -10.70 -21.44 7.28
C GLY B 223 -9.88 -22.26 8.26
N CYS B 224 -8.92 -23.07 7.75
CA CYS B 224 -7.99 -23.88 8.54
C CYS B 224 -7.11 -22.99 9.41
N LEU B 225 -6.68 -21.85 8.86
CA LEU B 225 -5.82 -20.88 9.55
C LEU B 225 -6.58 -20.24 10.71
N LEU B 226 -7.83 -19.77 10.46
CA LEU B 226 -8.69 -19.20 11.49
C LEU B 226 -8.85 -20.21 12.62
N TYR B 227 -9.13 -21.48 12.29
CA TYR B 227 -9.25 -22.56 13.26
C TYR B 227 -7.96 -22.72 14.07
N GLU B 228 -6.77 -22.79 13.40
CA GLU B 228 -5.46 -22.97 14.04
C GLU B 228 -5.09 -21.82 14.99
N MET B 229 -5.53 -20.60 14.68
CA MET B 229 -5.32 -19.44 15.54
C MET B 229 -6.03 -19.67 16.89
N ALA B 230 -7.23 -20.26 16.85
CA ALA B 230 -8.06 -20.55 18.01
C ALA B 230 -7.74 -21.88 18.73
N ALA B 231 -7.29 -22.91 17.98
CA ALA B 231 -7.00 -24.24 18.54
C ALA B 231 -5.53 -24.48 18.88
N LEU B 232 -4.60 -23.75 18.25
CA LEU B 232 -3.14 -23.83 18.40
C LEU B 232 -2.56 -25.04 17.65
N GLN B 233 -3.36 -25.62 16.76
CA GLN B 233 -2.99 -26.75 15.90
C GLN B 233 -3.95 -26.85 14.71
N SER B 234 -3.47 -27.43 13.59
CA SER B 234 -4.22 -27.65 12.37
C SER B 234 -5.51 -28.43 12.61
N PRO B 235 -6.59 -28.14 11.86
CA PRO B 235 -7.83 -28.91 12.06
C PRO B 235 -7.67 -30.43 11.92
N PHE B 236 -6.74 -30.88 11.06
CA PHE B 236 -6.51 -32.30 10.79
C PHE B 236 -5.17 -32.81 11.37
N TYR B 237 -4.79 -32.32 12.58
CA TYR B 237 -3.59 -32.72 13.30
C TYR B 237 -3.86 -34.08 13.98
N GLY B 238 -2.81 -34.90 14.11
CA GLY B 238 -2.90 -36.19 14.78
C GLY B 238 -1.63 -36.62 15.49
N ASP B 239 -1.67 -37.81 16.12
CA ASP B 239 -0.54 -38.44 16.81
C ASP B 239 0.05 -39.49 15.85
N LYS B 240 -0.82 -40.40 15.36
CA LYS B 240 -0.47 -41.42 14.37
C LYS B 240 -0.60 -40.70 13.02
N MET B 241 0.52 -40.07 12.60
CA MET B 241 0.65 -39.27 11.38
C MET B 241 0.59 -40.15 10.11
N ASN B 242 -0.62 -40.58 9.75
CA ASN B 242 -0.84 -41.41 8.58
C ASN B 242 -1.46 -40.53 7.48
N LEU B 243 -0.87 -40.56 6.30
CA LEU B 243 -1.35 -39.82 5.13
C LEU B 243 -2.75 -40.23 4.66
N TYR B 244 -3.06 -41.53 4.69
CA TYR B 244 -4.35 -42.05 4.27
C TYR B 244 -5.45 -41.65 5.25
N SER B 245 -5.12 -41.65 6.55
CA SER B 245 -6.01 -41.23 7.62
C SER B 245 -6.32 -39.72 7.43
N LEU B 246 -5.29 -38.91 7.11
CA LEU B 246 -5.38 -37.47 6.83
C LEU B 246 -6.38 -37.18 5.69
N CYS B 247 -6.22 -37.84 4.53
CA CYS B 247 -7.12 -37.70 3.38
C CYS B 247 -8.55 -38.07 3.76
N LYS B 248 -8.71 -39.20 4.46
CA LYS B 248 -9.99 -39.73 4.94
C LYS B 248 -10.74 -38.69 5.81
N LYS B 249 -10.03 -38.01 6.72
CA LYS B 249 -10.67 -37.03 7.60
C LYS B 249 -10.85 -35.65 6.93
N ILE B 250 -10.04 -35.33 5.89
CA ILE B 250 -10.23 -34.10 5.10
C ILE B 250 -11.54 -34.26 4.32
N GLU B 251 -11.74 -35.46 3.71
CA GLU B 251 -12.91 -35.90 2.95
C GLU B 251 -14.18 -35.71 3.80
N GLN B 252 -14.24 -36.38 4.97
CA GLN B 252 -15.36 -36.28 5.91
C GLN B 252 -15.43 -34.92 6.66
N CYS B 253 -14.35 -34.09 6.63
CA CYS B 253 -14.16 -32.83 7.37
C CYS B 253 -14.12 -33.07 8.89
N ASP B 254 -13.51 -34.21 9.33
CA ASP B 254 -13.37 -34.59 10.74
C ASP B 254 -12.29 -33.79 11.49
N TYR B 255 -12.67 -32.59 11.97
CA TYR B 255 -11.78 -31.78 12.79
C TYR B 255 -12.37 -31.60 14.19
N PRO B 256 -11.56 -31.60 15.29
CA PRO B 256 -12.15 -31.45 16.64
C PRO B 256 -12.84 -30.08 16.76
N PRO B 257 -14.10 -30.01 17.25
CA PRO B 257 -14.76 -28.69 17.35
C PRO B 257 -14.08 -27.74 18.33
N LEU B 258 -14.21 -26.43 18.07
CA LEU B 258 -13.66 -25.39 18.94
C LEU B 258 -14.56 -25.21 20.18
N PRO B 259 -14.00 -24.81 21.35
CA PRO B 259 -14.84 -24.59 22.55
C PRO B 259 -15.81 -23.43 22.39
N SER B 260 -17.12 -23.71 22.58
CA SER B 260 -18.21 -22.73 22.52
C SER B 260 -18.08 -21.71 23.68
N ASP B 261 -17.43 -22.17 24.77
CA ASP B 261 -17.15 -21.45 25.99
C ASP B 261 -16.08 -20.36 25.82
N HIS B 262 -15.19 -20.50 24.81
CA HIS B 262 -14.08 -19.55 24.54
C HIS B 262 -14.18 -18.76 23.23
N TYR B 263 -14.95 -19.25 22.24
CA TYR B 263 -15.09 -18.64 20.92
C TYR B 263 -16.56 -18.57 20.45
N SER B 264 -16.97 -17.40 19.97
CA SER B 264 -18.33 -17.08 19.51
C SER B 264 -18.86 -18.03 18.43
N GLU B 265 -20.18 -18.08 18.28
CA GLU B 265 -20.83 -18.88 17.27
C GLU B 265 -20.46 -18.34 15.91
N GLU B 266 -20.33 -16.99 15.77
CA GLU B 266 -19.97 -16.34 14.51
C GLU B 266 -18.60 -16.82 14.03
N LEU B 267 -17.61 -16.92 14.94
CA LEU B 267 -16.26 -17.42 14.62
C LEU B 267 -16.34 -18.87 14.13
N ARG B 268 -16.88 -19.78 15.00
CA ARG B 268 -17.08 -21.21 14.71
C ARG B 268 -17.89 -21.46 13.44
N GLN B 269 -18.91 -20.62 13.19
CA GLN B 269 -19.78 -20.64 12.01
C GLN B 269 -18.94 -20.33 10.76
N LEU B 270 -17.99 -19.37 10.87
CA LEU B 270 -17.12 -19.00 9.75
C LEU B 270 -16.11 -20.11 9.43
N VAL B 271 -15.49 -20.73 10.47
CA VAL B 271 -14.58 -21.86 10.29
C VAL B 271 -15.34 -22.97 9.54
N ASN B 272 -16.61 -23.20 9.92
CA ASN B 272 -17.49 -24.17 9.28
C ASN B 272 -17.83 -23.84 7.83
N MET B 273 -18.08 -22.58 7.52
CA MET B 273 -18.43 -22.16 6.16
C MET B 273 -17.28 -22.33 5.18
N CYS B 274 -16.05 -22.13 5.66
CA CYS B 274 -14.83 -22.22 4.86
C CYS B 274 -14.30 -23.62 4.72
N ILE B 275 -14.26 -24.40 5.83
CA ILE B 275 -13.82 -25.80 5.76
C ILE B 275 -15.01 -26.65 5.26
N ASN B 276 -15.20 -26.62 3.92
CA ASN B 276 -16.28 -27.29 3.22
C ASN B 276 -15.65 -28.04 2.06
N PRO B 277 -16.05 -29.30 1.80
CA PRO B 277 -15.43 -30.04 0.69
C PRO B 277 -15.71 -29.49 -0.71
N ASP B 278 -16.85 -28.82 -0.93
CA ASP B 278 -17.17 -28.26 -2.24
C ASP B 278 -16.67 -26.84 -2.37
N PRO B 279 -15.71 -26.57 -3.30
CA PRO B 279 -15.21 -25.19 -3.43
C PRO B 279 -16.32 -24.20 -3.74
N GLU B 280 -17.30 -24.59 -4.57
CA GLU B 280 -18.46 -23.77 -4.94
C GLU B 280 -19.29 -23.34 -3.75
N LYS B 281 -19.37 -24.17 -2.70
CA LYS B 281 -20.18 -23.88 -1.50
C LYS B 281 -19.45 -23.01 -0.49
N ARG B 282 -18.13 -22.83 -0.67
CA ARG B 282 -17.33 -22.00 0.23
C ARG B 282 -17.60 -20.54 -0.07
N PRO B 283 -17.64 -19.63 0.96
CA PRO B 283 -17.86 -18.20 0.66
C PRO B 283 -16.68 -17.54 -0.05
N ASP B 284 -16.94 -16.45 -0.78
CA ASP B 284 -15.89 -15.67 -1.44
C ASP B 284 -15.21 -14.84 -0.33
N VAL B 285 -14.00 -14.33 -0.61
CA VAL B 285 -13.23 -13.57 0.36
C VAL B 285 -13.95 -12.27 0.80
N THR B 286 -14.71 -11.59 -0.10
CA THR B 286 -15.45 -10.37 0.30
C THR B 286 -16.39 -10.66 1.50
N TYR B 287 -17.10 -11.81 1.47
CA TYR B 287 -18.00 -12.22 2.55
C TYR B 287 -17.23 -12.49 3.82
N VAL B 288 -16.14 -13.28 3.74
CA VAL B 288 -15.30 -13.62 4.88
C VAL B 288 -14.79 -12.33 5.51
N TYR B 289 -14.22 -11.41 4.68
CA TYR B 289 -13.69 -10.10 5.08
C TYR B 289 -14.74 -9.25 5.78
N ASP B 290 -15.96 -9.12 5.19
CA ASP B 290 -17.06 -8.38 5.79
CA ASP B 290 -17.08 -8.38 5.79
C ASP B 290 -17.37 -8.92 7.20
N VAL B 291 -17.51 -10.28 7.34
CA VAL B 291 -17.77 -10.95 8.62
C VAL B 291 -16.64 -10.59 9.60
N ALA B 292 -15.38 -10.75 9.17
CA ALA B 292 -14.18 -10.43 9.97
C ALA B 292 -14.17 -8.96 10.41
N LYS B 293 -14.63 -8.04 9.54
CA LYS B 293 -14.72 -6.60 9.82
C LYS B 293 -15.74 -6.30 10.90
N ARG B 294 -17.02 -6.70 10.68
CA ARG B 294 -18.12 -6.47 11.65
C ARG B 294 -17.84 -7.15 13.00
N MET B 295 -17.16 -8.33 12.98
CA MET B 295 -16.77 -9.04 14.19
C MET B 295 -15.70 -8.25 14.93
N HIS B 296 -14.65 -7.79 14.22
CA HIS B 296 -13.57 -6.99 14.80
C HIS B 296 -14.15 -5.70 15.41
N ALA B 297 -15.12 -5.08 14.69
CA ALA B 297 -15.83 -3.86 15.09
C ALA B 297 -16.61 -4.03 16.40
N CYS B 298 -17.15 -5.24 16.69
CA CYS B 298 -17.89 -5.46 17.94
C CYS B 298 -17.16 -6.37 18.92
N THR B 299 -15.81 -6.34 18.92
CA THR B 299 -14.94 -7.12 19.81
C THR B 299 -13.75 -6.28 20.30
N ALA B 300 -13.51 -5.13 19.63
CA ALA B 300 -12.42 -4.19 19.94
C ALA B 300 -12.70 -3.42 21.23
N GLY C 1 -17.40 8.10 1.22
CA GLY C 1 -17.95 7.60 2.47
C GLY C 1 -17.24 8.16 3.70
N TRP C 2 -15.91 8.33 3.60
CA TRP C 2 -14.99 8.86 4.63
C TRP C 2 -15.40 10.23 5.18
N LEU C 3 -15.88 11.14 4.32
CA LEU C 3 -16.25 12.52 4.68
C LEU C 3 -17.49 12.62 5.56
N ARG C 4 -18.48 11.74 5.33
CA ARG C 4 -19.70 11.70 6.14
C ARG C 4 -19.38 11.21 7.56
N LYS C 5 -18.41 10.28 7.68
CA LYS C 5 -17.95 9.73 8.95
C LYS C 5 -17.05 10.73 9.69
N GLU C 6 -16.20 11.46 8.94
CA GLU C 6 -15.26 12.45 9.48
C GLU C 6 -15.93 13.66 10.09
N LEU C 7 -17.02 14.15 9.47
CA LEU C 7 -17.79 15.29 9.96
C LEU C 7 -18.62 14.88 11.20
N GLU C 8 -19.20 13.67 11.19
CA GLU C 8 -20.02 13.14 12.29
C GLU C 8 -19.19 12.73 13.51
N ASN C 9 -18.02 12.08 13.28
CA ASN C 9 -17.13 11.65 14.36
C ASN C 9 -16.01 12.67 14.64
N ALA C 10 -16.37 13.98 14.73
CA ALA C 10 -15.43 15.07 14.99
C ALA C 10 -16.01 16.16 15.89
N GLU C 11 -15.18 16.69 16.80
CA GLU C 11 -15.51 17.74 17.77
C GLU C 11 -15.89 19.05 17.08
N PHE C 12 -17.02 19.66 17.51
CA PHE C 12 -17.48 20.92 16.93
C PHE C 12 -16.64 22.10 17.46
N ILE C 13 -15.73 22.61 16.60
CA ILE C 13 -14.82 23.70 16.92
C ILE C 13 -15.22 24.98 16.15
N PRO C 14 -15.47 26.12 16.85
CA PRO C 14 -15.87 27.35 16.13
C PRO C 14 -14.72 28.21 15.61
N MET C 15 -15.05 29.15 14.69
CA MET C 15 -14.11 30.06 14.02
C MET C 15 -14.53 31.53 14.25
N PRO C 16 -13.66 32.40 14.82
CA PRO C 16 -14.06 33.81 15.02
C PRO C 16 -13.89 34.68 13.78
N GLY D 1 8.85 -6.81 21.61
CA GLY D 1 8.27 -6.08 20.49
C GLY D 1 6.76 -6.17 20.45
N TRP D 2 6.23 -7.04 19.57
CA TRP D 2 4.79 -7.28 19.41
C TRP D 2 4.34 -8.55 20.14
N LEU D 3 5.19 -9.60 20.14
CA LEU D 3 4.92 -10.90 20.74
C LEU D 3 4.74 -10.82 22.25
N ARG D 4 5.73 -10.24 22.98
CA ARG D 4 5.66 -10.07 24.43
C ARG D 4 4.55 -9.08 24.82
N LYS D 5 4.25 -8.12 23.92
CA LYS D 5 3.20 -7.11 24.07
C LYS D 5 1.83 -7.80 24.00
N GLU D 6 1.70 -8.81 23.12
CA GLU D 6 0.48 -9.60 22.93
C GLU D 6 0.34 -10.65 24.04
N LEU D 7 1.45 -11.01 24.71
CA LEU D 7 1.45 -12.00 25.79
C LEU D 7 1.40 -11.36 27.20
N GLU D 8 1.36 -10.02 27.27
CA GLU D 8 1.26 -9.27 28.53
C GLU D 8 -0.20 -8.92 28.83
N ASN D 9 -0.94 -8.42 27.83
CA ASN D 9 -2.36 -8.03 27.94
C ASN D 9 -3.26 -9.27 28.05
#